data_4Z79
#
_entry.id   4Z79
#
_cell.length_a   49.019
_cell.length_b   52.192
_cell.length_c   75.890
_cell.angle_alpha   90.00
_cell.angle_beta   90.00
_cell.angle_gamma   90.00
#
_symmetry.space_group_name_H-M   'P 21 21 21'
#
loop_
_entity.id
_entity.type
_entity.pdbx_description
1 polymer 'Leiomodin-1 Actin-Binding Site 2 (ABS2)'
2 non-polymer GLYCEROL
3 non-polymer 'CHLORIDE ION'
4 non-polymer 'SODIUM ION'
5 water water
#
_entity_poly.entity_id   1
_entity_poly.type   'polypeptide(L)'
_entity_poly.pdbx_seq_one_letter_code
;PTKPSEGPAKVEEEAAPSIFDEPLERVKNNDPEMTEVNVNNSDCITNEILVRFTEALEFNTVVKLFALANTRADDHVAFA
IAIMLKANKTITSLNLDSNHITGKGILAIFRALLQNNTLTELRFHNQRHICGGKTEMEIAKLLKENTTLLKLGYHFELAG
PRMTVTNLLSRNMDKQRQKRLQEQRQAQ
;
_entity_poly.pdbx_strand_id   A
#
loop_
_chem_comp.id
_chem_comp.type
_chem_comp.name
_chem_comp.formula
CL non-polymer 'CHLORIDE ION' 'Cl -1'
GOL non-polymer GLYCEROL 'C3 H8 O3'
NA non-polymer 'SODIUM ION' 'Na 1'
#
# COMPACT_ATOMS: atom_id res chain seq x y z
N ALA A 16 -15.66 7.76 -24.30
CA ALA A 16 -15.19 8.99 -23.67
C ALA A 16 -13.83 8.79 -23.02
N PRO A 17 -12.75 8.90 -23.82
CA PRO A 17 -11.39 8.64 -23.31
C PRO A 17 -10.91 9.71 -22.35
N SER A 18 -10.54 9.34 -21.13
CA SER A 18 -10.06 10.31 -20.16
C SER A 18 -8.55 10.50 -20.29
N ILE A 19 -8.01 11.46 -19.55
CA ILE A 19 -6.59 11.70 -19.55
C ILE A 19 -5.81 10.56 -18.90
N PHE A 20 -6.51 9.62 -18.27
CA PHE A 20 -5.85 8.48 -17.62
C PHE A 20 -5.76 7.25 -18.52
N ASP A 21 -6.30 7.36 -19.73
CA ASP A 21 -6.33 6.20 -20.62
CA ASP A 21 -6.34 6.25 -20.68
C ASP A 21 -4.93 5.71 -20.97
N GLU A 22 -4.04 6.61 -21.33
CA GLU A 22 -2.69 6.19 -21.73
C GLU A 22 -1.91 5.58 -20.56
N PRO A 23 -1.87 6.25 -19.39
CA PRO A 23 -1.13 5.61 -18.31
C PRO A 23 -1.76 4.28 -17.89
N LEU A 24 -3.08 4.20 -17.87
CA LEU A 24 -3.71 2.93 -17.53
C LEU A 24 -3.31 1.86 -18.52
N GLU A 25 -3.36 2.16 -19.81
CA GLU A 25 -3.02 1.15 -20.79
C GLU A 25 -1.52 0.79 -20.76
N ARG A 26 -0.63 1.70 -20.38
CA ARG A 26 0.75 1.33 -20.17
C ARG A 26 0.93 0.32 -19.04
N VAL A 27 0.20 0.50 -17.96
CA VAL A 27 0.22 -0.51 -16.90
C VAL A 27 -0.29 -1.85 -17.42
N LYS A 28 -1.39 -1.82 -18.17
CA LYS A 28 -2.00 -3.04 -18.67
C LYS A 28 -1.07 -3.79 -19.64
N ASN A 29 -0.23 -3.02 -20.35
CA ASN A 29 0.75 -3.57 -21.29
C ASN A 29 2.06 -4.01 -20.66
N ASN A 30 2.18 -3.84 -19.35
CA ASN A 30 3.45 -4.11 -18.67
C ASN A 30 4.62 -3.33 -19.29
N ASP A 31 4.34 -2.08 -19.64
CA ASP A 31 5.34 -1.18 -20.20
C ASP A 31 6.54 -1.15 -19.26
N PRO A 32 7.71 -1.61 -19.73
CA PRO A 32 8.87 -1.65 -18.84
C PRO A 32 9.36 -0.28 -18.40
N GLU A 33 8.92 0.79 -19.06
CA GLU A 33 9.34 2.14 -18.64
CA GLU A 33 9.34 2.14 -18.64
C GLU A 33 8.31 2.77 -17.70
N MET A 34 7.20 2.08 -17.46
CA MET A 34 6.18 2.59 -16.54
C MET A 34 6.40 1.97 -15.13
N THR A 35 7.32 2.57 -14.38
CA THR A 35 7.82 1.98 -13.16
C THR A 35 7.12 2.55 -11.95
N GLU A 36 6.26 3.53 -12.18
CA GLU A 36 5.48 4.13 -11.09
CA GLU A 36 5.48 4.12 -11.09
C GLU A 36 4.11 4.49 -11.59
N VAL A 37 3.12 4.40 -10.71
CA VAL A 37 1.83 4.98 -10.98
C VAL A 37 1.64 6.00 -9.86
N ASN A 38 1.75 7.28 -10.20
CA ASN A 38 1.53 8.35 -9.21
C ASN A 38 0.43 9.26 -9.72
N VAL A 39 -0.75 9.09 -9.14
CA VAL A 39 -1.91 9.89 -9.49
C VAL A 39 -2.28 10.78 -8.30
N ASN A 40 -1.35 10.98 -7.37
CA ASN A 40 -1.59 11.90 -6.23
C ASN A 40 -2.22 13.20 -6.67
N ASN A 41 -3.24 13.65 -5.95
CA ASN A 41 -3.82 14.99 -6.11
C ASN A 41 -4.66 15.14 -7.37
N SER A 42 -4.95 14.05 -8.05
CA SER A 42 -5.67 14.16 -9.33
C SER A 42 -7.13 14.52 -9.09
N ASP A 43 -7.48 15.77 -9.36
N ASP A 43 -7.48 15.77 -9.36
CA ASP A 43 -8.84 16.21 -9.14
CA ASP A 43 -8.85 16.21 -9.15
C ASP A 43 -9.77 15.55 -10.17
C ASP A 43 -9.78 15.55 -10.18
N CYS A 44 -9.21 15.15 -11.31
CA CYS A 44 -10.00 14.56 -12.41
C CYS A 44 -10.28 13.06 -12.25
N ILE A 45 -9.60 12.41 -11.34
CA ILE A 45 -9.73 10.95 -11.25
C ILE A 45 -10.98 10.56 -10.47
N THR A 46 -11.45 9.34 -10.74
CA THR A 46 -12.64 8.81 -10.10
C THR A 46 -12.33 7.50 -9.40
N ASN A 47 -13.24 7.05 -8.56
CA ASN A 47 -13.01 5.78 -7.84
CA ASN A 47 -13.05 5.80 -7.84
C ASN A 47 -12.99 4.64 -8.84
N GLU A 48 -13.81 4.71 -9.88
CA GLU A 48 -13.78 3.67 -10.91
C GLU A 48 -12.41 3.60 -11.60
N ILE A 49 -11.83 4.74 -11.94
CA ILE A 49 -10.51 4.75 -12.57
C ILE A 49 -9.47 4.24 -11.58
N LEU A 50 -9.56 4.64 -10.31
CA LEU A 50 -8.62 4.08 -9.32
C LEU A 50 -8.70 2.54 -9.23
N VAL A 51 -9.91 2.01 -9.25
CA VAL A 51 -10.08 0.55 -9.26
C VAL A 51 -9.51 -0.06 -10.54
N ARG A 52 -9.72 0.61 -11.67
CA ARG A 52 -9.13 0.11 -12.92
C ARG A 52 -7.60 0.05 -12.88
N PHE A 53 -6.96 1.09 -12.35
CA PHE A 53 -5.52 1.04 -12.15
C PHE A 53 -5.14 -0.12 -11.22
N THR A 54 -5.90 -0.29 -10.13
CA THR A 54 -5.62 -1.33 -9.17
C THR A 54 -5.71 -2.71 -9.78
N GLU A 55 -6.75 -2.95 -10.57
CA GLU A 55 -6.89 -4.26 -11.20
C GLU A 55 -5.81 -4.48 -12.26
N ALA A 56 -5.41 -3.41 -12.93
CA ALA A 56 -4.34 -3.49 -13.91
C ALA A 56 -3.00 -3.82 -13.27
N LEU A 57 -2.87 -3.55 -11.98
CA LEU A 57 -1.62 -3.81 -11.29
C LEU A 57 -1.49 -5.25 -10.80
N GLU A 58 -2.60 -6.01 -10.76
CA GLU A 58 -2.55 -7.35 -10.17
C GLU A 58 -1.48 -8.21 -10.80
N PHE A 59 -1.38 -8.17 -12.13
CA PHE A 59 -0.41 -8.97 -12.83
C PHE A 59 0.65 -8.15 -13.58
N ASN A 60 0.78 -6.88 -13.20
CA ASN A 60 1.86 -6.03 -13.68
C ASN A 60 3.14 -6.39 -12.93
N THR A 61 4.25 -6.51 -13.66
CA THR A 61 5.51 -6.94 -13.09
C THR A 61 6.61 -5.88 -13.17
N VAL A 62 6.20 -4.62 -13.34
CA VAL A 62 7.12 -3.48 -13.51
C VAL A 62 6.97 -2.41 -12.44
N VAL A 63 5.75 -2.03 -12.16
CA VAL A 63 5.51 -0.88 -11.28
C VAL A 63 5.97 -1.15 -9.87
N LYS A 64 6.79 -0.24 -9.37
CA LYS A 64 7.33 -0.28 -8.02
CA LYS A 64 7.31 -0.29 -8.02
C LYS A 64 6.63 0.54 -6.95
N LEU A 65 5.93 1.57 -7.42
CA LEU A 65 5.23 2.54 -6.58
C LEU A 65 3.82 2.73 -7.07
N PHE A 66 2.85 2.60 -6.17
CA PHE A 66 1.47 3.01 -6.46
C PHE A 66 1.11 4.09 -5.48
N ALA A 67 1.00 5.31 -5.97
CA ALA A 67 0.69 6.48 -5.12
C ALA A 67 -0.61 7.10 -5.60
N LEU A 68 -1.58 7.20 -4.68
CA LEU A 68 -2.91 7.73 -5.00
C LEU A 68 -3.39 8.57 -3.84
N ALA A 69 -2.44 9.29 -3.25
CA ALA A 69 -2.77 10.21 -2.17
C ALA A 69 -3.73 11.29 -2.67
N ASN A 70 -4.67 11.70 -1.84
CA ASN A 70 -5.50 12.88 -2.12
C ASN A 70 -6.24 12.76 -3.44
N THR A 71 -6.87 11.61 -3.61
CA THR A 71 -7.69 11.29 -4.78
C THR A 71 -9.15 10.94 -4.45
N ARG A 72 -9.57 11.19 -3.21
CA ARG A 72 -10.89 10.81 -2.71
CA ARG A 72 -10.89 10.82 -2.71
C ARG A 72 -11.11 9.31 -2.68
N ALA A 73 -10.03 8.55 -2.63
CA ALA A 73 -10.11 7.10 -2.58
C ALA A 73 -10.90 6.68 -1.35
N ASP A 74 -11.75 5.68 -1.52
CA ASP A 74 -12.58 5.23 -0.43
C ASP A 74 -12.33 3.75 -0.10
N ASP A 75 -13.13 3.20 0.80
CA ASP A 75 -12.93 1.81 1.19
C ASP A 75 -13.02 0.85 0.01
N HIS A 76 -13.83 1.16 -0.99
CA HIS A 76 -13.95 0.26 -2.14
CA HIS A 76 -13.97 0.30 -2.15
C HIS A 76 -12.63 0.19 -2.88
N VAL A 77 -11.94 1.32 -2.98
CA VAL A 77 -10.63 1.32 -3.61
C VAL A 77 -9.67 0.53 -2.70
N ALA A 78 -9.73 0.73 -1.39
CA ALA A 78 -8.83 0.00 -0.51
C ALA A 78 -9.07 -1.50 -0.60
N PHE A 79 -10.33 -1.94 -0.74
CA PHE A 79 -10.60 -3.35 -0.85
C PHE A 79 -9.97 -3.93 -2.13
N ALA A 80 -10.10 -3.16 -3.22
CA ALA A 80 -9.49 -3.56 -4.47
C ALA A 80 -7.98 -3.70 -4.33
N ILE A 81 -7.40 -2.73 -3.63
CA ILE A 81 -5.96 -2.76 -3.40
C ILE A 81 -5.55 -3.97 -2.55
N ALA A 82 -6.33 -4.27 -1.51
CA ALA A 82 -6.06 -5.46 -0.72
C ALA A 82 -6.02 -6.72 -1.57
N ILE A 83 -6.99 -6.87 -2.47
CA ILE A 83 -7.01 -8.01 -3.39
C ILE A 83 -5.75 -8.00 -4.27
N MET A 84 -5.43 -6.82 -4.79
CA MET A 84 -4.28 -6.68 -5.68
C MET A 84 -2.98 -7.04 -4.95
N LEU A 85 -2.84 -6.66 -3.69
CA LEU A 85 -1.60 -6.96 -2.97
C LEU A 85 -1.35 -8.46 -2.77
N LYS A 86 -2.39 -9.27 -2.87
CA LYS A 86 -2.24 -10.72 -2.79
C LYS A 86 -1.67 -11.31 -4.05
N ALA A 87 -1.81 -10.60 -5.18
CA ALA A 87 -1.24 -11.05 -6.46
C ALA A 87 0.09 -10.41 -6.80
N ASN A 88 0.24 -9.15 -6.41
CA ASN A 88 1.34 -8.35 -6.91
C ASN A 88 2.57 -8.52 -6.05
N LYS A 89 3.69 -8.86 -6.69
CA LYS A 89 4.97 -9.18 -6.04
CA LYS A 89 4.94 -9.12 -5.97
C LYS A 89 6.03 -8.13 -6.37
N THR A 90 5.61 -7.01 -6.93
CA THR A 90 6.51 -6.02 -7.50
C THR A 90 6.43 -4.65 -6.81
N ILE A 91 5.23 -4.20 -6.46
CA ILE A 91 5.08 -2.92 -5.78
C ILE A 91 5.71 -2.97 -4.40
N THR A 92 6.63 -2.03 -4.14
CA THR A 92 7.22 -1.95 -2.82
C THR A 92 6.71 -0.80 -1.98
N SER A 93 6.06 0.19 -2.60
CA SER A 93 5.59 1.36 -1.87
C SER A 93 4.17 1.73 -2.29
N LEU A 94 3.31 1.99 -1.31
CA LEU A 94 1.90 2.28 -1.54
C LEU A 94 1.52 3.50 -0.72
N ASN A 95 1.06 4.56 -1.40
CA ASN A 95 0.71 5.82 -0.73
C ASN A 95 -0.77 6.04 -0.83
N LEU A 96 -1.46 5.91 0.30
CA LEU A 96 -2.90 6.13 0.44
C LEU A 96 -3.28 7.37 1.24
N ASP A 97 -2.32 8.26 1.46
CA ASP A 97 -2.54 9.46 2.27
C ASP A 97 -3.70 10.30 1.80
N SER A 98 -4.32 10.97 2.76
CA SER A 98 -5.19 12.11 2.43
C SER A 98 -6.43 11.74 1.64
N ASN A 99 -7.01 10.58 1.95
CA ASN A 99 -8.15 10.05 1.24
C ASN A 99 -9.34 9.90 2.20
N HIS A 100 -10.31 9.07 1.81
CA HIS A 100 -11.55 8.88 2.54
C HIS A 100 -11.64 7.45 3.06
N ILE A 101 -10.51 6.81 3.35
CA ILE A 101 -10.50 5.39 3.70
C ILE A 101 -10.74 5.27 5.20
N THR A 102 -11.58 4.31 5.59
CA THR A 102 -11.88 4.09 7.01
C THR A 102 -11.08 2.92 7.57
N GLY A 103 -11.26 2.63 8.86
CA GLY A 103 -10.64 1.48 9.44
C GLY A 103 -10.94 0.20 8.68
N LYS A 104 -12.11 0.10 8.04
CA LYS A 104 -12.46 -1.10 7.32
C LYS A 104 -11.50 -1.34 6.15
N GLY A 105 -11.25 -0.27 5.41
CA GLY A 105 -10.33 -0.37 4.29
C GLY A 105 -8.91 -0.64 4.72
N ILE A 106 -8.46 0.05 5.77
CA ILE A 106 -7.12 -0.13 6.26
C ILE A 106 -6.92 -1.56 6.77
N LEU A 107 -7.89 -2.08 7.52
CA LEU A 107 -7.74 -3.45 8.01
C LEU A 107 -7.74 -4.49 6.86
N ALA A 108 -8.50 -4.24 5.81
CA ALA A 108 -8.47 -5.16 4.67
C ALA A 108 -7.05 -5.25 4.09
N ILE A 109 -6.38 -4.10 4.02
CA ILE A 109 -5.04 -4.09 3.51
C ILE A 109 -4.09 -4.80 4.46
N PHE A 110 -4.21 -4.58 5.78
CA PHE A 110 -3.32 -5.31 6.67
C PHE A 110 -3.59 -6.81 6.66
N ARG A 111 -4.84 -7.21 6.46
CA ARG A 111 -5.11 -8.63 6.27
C ARG A 111 -4.46 -9.16 5.00
N ALA A 112 -4.48 -8.38 3.93
CA ALA A 112 -3.78 -8.79 2.72
C ALA A 112 -2.28 -8.93 2.90
N LEU A 113 -1.72 -8.15 3.82
CA LEU A 113 -0.29 -8.19 4.08
C LEU A 113 0.11 -9.49 4.82
N LEU A 114 -0.88 -10.28 5.25
CA LEU A 114 -0.59 -11.65 5.68
C LEU A 114 -0.21 -12.54 4.51
N GLN A 115 -0.45 -12.09 3.28
CA GLN A 115 -0.21 -12.88 2.07
C GLN A 115 0.58 -12.06 1.06
N ASN A 116 1.42 -11.16 1.57
CA ASN A 116 2.29 -10.35 0.72
C ASN A 116 3.60 -10.18 1.47
N ASN A 117 4.71 -10.51 0.80
CA ASN A 117 6.03 -10.35 1.41
C ASN A 117 6.95 -9.44 0.63
N THR A 118 6.37 -8.53 -0.17
CA THR A 118 7.14 -7.66 -1.02
C THR A 118 6.89 -6.17 -0.78
N LEU A 119 5.71 -5.79 -0.30
CA LEU A 119 5.47 -4.38 0.02
C LEU A 119 6.28 -3.99 1.24
N THR A 120 7.12 -2.97 1.11
CA THR A 120 7.93 -2.54 2.26
C THR A 120 7.50 -1.21 2.86
N GLU A 121 6.72 -0.42 2.13
CA GLU A 121 6.23 0.86 2.64
C GLU A 121 4.74 1.00 2.36
N LEU A 122 4.03 1.40 3.40
CA LEU A 122 2.62 1.71 3.31
C LEU A 122 2.40 3.00 4.05
N ARG A 123 1.72 3.97 3.46
CA ARG A 123 1.37 5.18 4.21
C ARG A 123 -0.08 5.55 4.00
N PHE A 124 -0.72 6.04 5.05
CA PHE A 124 -2.10 6.45 4.96
C PHE A 124 -2.44 7.56 5.95
N HIS A 125 -1.49 8.46 6.11
CA HIS A 125 -1.70 9.69 6.89
C HIS A 125 -2.93 10.44 6.43
N ASN A 126 -3.59 11.09 7.38
CA ASN A 126 -4.56 12.15 7.12
C ASN A 126 -5.81 11.74 6.36
N GLN A 127 -6.40 10.60 6.68
CA GLN A 127 -7.71 10.25 6.15
C GLN A 127 -8.73 11.23 6.70
N ARG A 128 -9.87 11.29 6.04
CA ARG A 128 -10.92 12.24 6.39
C ARG A 128 -11.33 12.05 7.86
N HIS A 129 -11.45 10.78 8.24
CA HIS A 129 -11.77 10.42 9.61
C HIS A 129 -10.73 9.49 10.20
N ILE A 130 -10.35 9.71 11.45
CA ILE A 130 -9.41 8.82 12.11
C ILE A 130 -9.99 7.41 12.10
N CYS A 131 -9.14 6.40 12.12
CA CYS A 131 -9.66 5.03 12.07
C CYS A 131 -10.18 4.55 13.43
N GLY A 132 -9.62 5.06 14.52
CA GLY A 132 -10.10 4.70 15.86
C GLY A 132 -9.23 3.68 16.57
N GLY A 133 -9.34 3.65 17.90
CA GLY A 133 -8.45 2.86 18.72
C GLY A 133 -8.54 1.36 18.46
N LYS A 134 -9.76 0.89 18.25
CA LYS A 134 -10.00 -0.53 18.01
CA LYS A 134 -10.01 -0.50 17.98
C LYS A 134 -9.27 -0.98 16.75
N THR A 135 -9.34 -0.15 15.71
CA THR A 135 -8.63 -0.47 14.47
C THR A 135 -7.12 -0.44 14.69
N GLU A 136 -6.63 0.56 15.42
CA GLU A 136 -5.20 0.62 15.71
C GLU A 136 -4.73 -0.67 16.39
N MET A 137 -5.48 -1.16 17.37
N MET A 137 -5.48 -1.15 17.38
CA MET A 137 -5.11 -2.38 18.05
CA MET A 137 -5.09 -2.39 18.05
C MET A 137 -5.04 -3.57 17.10
C MET A 137 -5.02 -3.56 17.08
N GLU A 138 -5.99 -3.66 16.19
CA GLU A 138 -6.01 -4.78 15.24
C GLU A 138 -4.91 -4.63 14.17
N ILE A 139 -4.58 -3.40 13.81
CA ILE A 139 -3.43 -3.19 12.93
C ILE A 139 -2.17 -3.76 13.57
N ALA A 140 -1.93 -3.42 14.84
CA ALA A 140 -0.73 -3.90 15.50
C ALA A 140 -0.70 -5.42 15.57
N LYS A 141 -1.86 -6.02 15.82
CA LYS A 141 -1.96 -7.47 15.89
C LYS A 141 -1.62 -8.12 14.56
N LEU A 142 -2.21 -7.60 13.50
CA LEU A 142 -1.99 -8.15 12.15
C LEU A 142 -0.56 -7.97 11.69
N LEU A 143 0.05 -6.84 12.05
CA LEU A 143 1.40 -6.58 11.64
C LEU A 143 2.38 -7.58 12.29
N LYS A 144 2.02 -8.15 13.44
CA LYS A 144 2.89 -9.11 14.08
C LYS A 144 3.26 -10.25 13.13
N GLU A 145 2.32 -10.59 12.23
CA GLU A 145 2.47 -11.72 11.34
C GLU A 145 3.19 -11.39 10.01
N ASN A 146 3.48 -10.12 9.77
CA ASN A 146 4.18 -9.69 8.56
C ASN A 146 5.58 -9.19 8.93
N THR A 147 6.59 -9.77 8.29
CA THR A 147 7.98 -9.47 8.65
C THR A 147 8.70 -8.70 7.56
N THR A 148 7.96 -8.18 6.58
CA THR A 148 8.58 -7.50 5.45
C THR A 148 8.23 -6.01 5.31
N LEU A 149 7.13 -5.55 5.91
CA LEU A 149 6.84 -4.13 5.94
C LEU A 149 7.88 -3.43 6.83
N LEU A 150 8.50 -2.39 6.27
CA LEU A 150 9.57 -1.66 6.97
C LEU A 150 9.20 -0.25 7.38
N LYS A 151 8.30 0.36 6.62
CA LYS A 151 7.83 1.71 6.88
C LYS A 151 6.31 1.76 6.90
N LEU A 152 5.77 2.38 7.94
CA LEU A 152 4.34 2.51 8.06
C LEU A 152 4.07 3.97 8.35
N GLY A 153 3.54 4.66 7.35
CA GLY A 153 3.24 6.07 7.47
C GLY A 153 1.89 6.33 8.08
N TYR A 154 1.86 6.28 9.40
CA TYR A 154 0.65 6.53 10.13
C TYR A 154 1.08 6.83 11.55
N HIS A 155 0.53 7.89 12.11
CA HIS A 155 0.83 8.25 13.48
C HIS A 155 -0.33 7.77 14.34
N PHE A 156 -0.02 6.78 15.18
CA PHE A 156 -1.00 6.11 16.00
C PHE A 156 -1.45 7.02 17.14
N GLU A 157 -2.76 7.12 17.35
CA GLU A 157 -3.32 7.90 18.45
CA GLU A 157 -3.31 7.90 18.45
C GLU A 157 -3.06 7.22 19.79
N LEU A 158 -3.09 5.89 19.81
CA LEU A 158 -2.89 5.13 21.04
C LEU A 158 -1.46 4.68 21.21
N ALA A 159 -0.91 4.81 22.42
CA ALA A 159 0.50 4.55 22.62
C ALA A 159 0.86 3.08 22.52
N GLY A 160 -0.07 2.19 22.86
CA GLY A 160 0.20 0.77 22.86
C GLY A 160 0.47 0.33 21.44
N PRO A 161 -0.53 0.50 20.58
CA PRO A 161 -0.29 0.20 19.16
C PRO A 161 0.90 0.96 18.60
N ARG A 162 1.04 2.24 18.94
CA ARG A 162 2.19 3.02 18.47
C ARG A 162 3.52 2.35 18.79
N MET A 163 3.75 1.99 20.04
CA MET A 163 5.05 1.44 20.39
C MET A 163 5.22 0.01 19.91
N THR A 164 4.14 -0.76 19.92
CA THR A 164 4.18 -2.10 19.37
C THR A 164 4.57 -2.09 17.90
N VAL A 165 3.94 -1.23 17.12
CA VAL A 165 4.23 -1.16 15.69
C VAL A 165 5.66 -0.67 15.48
N THR A 166 6.09 0.34 16.23
CA THR A 166 7.48 0.77 16.13
C THR A 166 8.44 -0.41 16.36
N ASN A 167 8.19 -1.21 17.39
CA ASN A 167 9.04 -2.36 17.67
C ASN A 167 8.97 -3.41 16.57
N LEU A 168 7.79 -3.58 15.97
CA LEU A 168 7.64 -4.56 14.89
C LEU A 168 8.36 -4.13 13.63
N LEU A 169 8.33 -2.83 13.32
CA LEU A 169 9.05 -2.37 12.16
C LEU A 169 10.54 -2.52 12.37
N SER A 170 11.02 -2.31 13.60
CA SER A 170 12.43 -2.49 13.88
CA SER A 170 12.44 -2.50 13.91
C SER A 170 12.83 -3.95 13.74
N ARG A 171 11.97 -4.83 14.26
CA ARG A 171 12.13 -6.27 14.11
C ARG A 171 12.26 -6.60 12.63
N ASN A 172 11.37 -6.05 11.82
CA ASN A 172 11.35 -6.37 10.41
C ASN A 172 12.60 -5.84 9.71
N MET A 173 13.04 -4.63 10.06
CA MET A 173 14.25 -4.06 9.49
C MET A 173 15.46 -4.94 9.81
N ASP A 174 15.52 -5.40 11.05
CA ASP A 174 16.62 -6.27 11.49
C ASP A 174 16.58 -7.58 10.74
N LYS A 175 15.39 -8.17 10.64
CA LYS A 175 15.27 -9.43 9.94
C LYS A 175 15.66 -9.33 8.47
N GLN A 176 15.23 -8.27 7.79
CA GLN A 176 15.52 -8.15 6.38
C GLN A 176 17.00 -7.81 6.15
N ARG A 177 17.63 -7.10 7.09
CA ARG A 177 19.07 -6.89 6.97
C ARG A 177 19.81 -8.22 7.12
N GLN A 178 19.38 -9.04 8.10
CA GLN A 178 19.95 -10.38 8.23
C GLN A 178 19.79 -11.16 6.95
N LYS A 179 18.60 -11.15 6.36
CA LYS A 179 18.38 -11.90 5.13
C LYS A 179 19.18 -11.36 3.93
N ARG A 180 19.37 -10.04 3.87
CA ARG A 180 20.20 -9.48 2.78
C ARG A 180 21.68 -9.89 2.95
N LEU A 181 22.21 -9.80 4.16
CA LEU A 181 23.59 -10.25 4.41
C LEU A 181 23.72 -11.73 4.05
N GLN A 182 22.75 -12.53 4.45
CA GLN A 182 22.82 -13.96 4.18
C GLN A 182 22.85 -14.21 2.67
N GLU A 183 22.00 -13.50 1.94
CA GLU A 183 21.91 -13.63 0.49
C GLU A 183 23.22 -13.19 -0.17
N GLN A 184 23.80 -12.11 0.31
CA GLN A 184 25.06 -11.62 -0.25
C GLN A 184 26.18 -12.59 0.03
N ARG A 185 26.19 -13.12 1.25
CA ARG A 185 27.21 -14.08 1.63
C ARG A 185 27.09 -15.37 0.83
N GLN A 186 25.86 -15.70 0.40
CA GLN A 186 25.55 -17.00 -0.20
C GLN A 186 26.38 -17.23 -1.44
N ALA A 187 26.60 -16.17 -2.21
CA ALA A 187 27.42 -16.24 -3.43
C ALA A 187 28.68 -15.41 -3.22
N GLN A 188 29.17 -15.42 -1.98
CA GLN A 188 30.49 -14.90 -1.64
C GLN A 188 31.37 -16.09 -1.23
C1 GOL B . -1.09 9.37 -14.80
O1 GOL B . -1.90 10.51 -14.61
C2 GOL B . 0.08 9.34 -13.84
O2 GOL B . 1.09 10.19 -14.37
C3 GOL B . 0.62 7.92 -13.75
O3 GOL B . 1.79 7.83 -12.95
C1 GOL C . -11.37 -9.37 0.26
O1 GOL C . -11.04 -10.65 0.76
C2 GOL C . -10.48 -8.43 1.04
O2 GOL C . -9.12 -8.74 0.72
C3 GOL C . -10.78 -6.97 0.74
O3 GOL C . -10.44 -6.71 -0.59
C1 GOL D . -9.67 -9.85 -10.00
O1 GOL D . -9.19 -9.67 -8.67
C2 GOL D . -10.04 -8.49 -10.59
O2 GOL D . -8.88 -7.72 -10.98
C3 GOL D . -10.91 -8.69 -11.81
O3 GOL D . -10.22 -9.58 -12.64
C1 GOL E . -2.33 -5.88 20.31
O1 GOL E . -1.83 -7.10 19.79
C2 GOL E . -1.16 -4.95 20.53
O2 GOL E . -0.15 -5.64 21.25
C3 GOL E . -1.54 -3.70 21.32
O3 GOL E . -0.39 -2.91 21.48
C1 GOL F . 6.61 8.95 -2.12
O1 GOL F . 6.87 10.28 -2.52
C2 GOL F . 5.51 8.43 -3.01
O2 GOL F . 4.44 7.99 -2.21
C3 GOL F . 4.93 9.53 -3.84
O3 GOL F . 4.05 10.24 -3.01
C1 GOL G . 22.21 -4.75 2.65
O1 GOL G . 22.47 -5.50 1.51
C2 GOL G . 23.22 -5.29 3.62
O2 GOL G . 22.66 -5.03 4.89
C3 GOL G . 24.47 -4.47 3.45
O3 GOL G . 25.00 -4.73 2.17
CL CL H . -10.60 -8.20 4.79
NA NA I . -4.95 -6.13 -16.32
NA NA J . 1.55 -10.87 -2.97
NA NA K . 30.17 -10.27 8.50
#